data_4R5C
#
_entry.id   4R5C
#
_cell.length_a   32.137
_cell.length_b   77.707
_cell.length_c   101.889
_cell.angle_alpha   90.00
_cell.angle_beta   90.00
_cell.angle_gamma   90.00
#
_symmetry.space_group_name_H-M   'P 21 21 21'
#
loop_
_entity.id
_entity.type
_entity.pdbx_description
1 polymer 'Leucine rich repeat protein'
2 non-polymer 1,2-ETHANEDIOL
3 water water
#
_entity_poly.entity_id   1
_entity_poly.type   'polypeptide(L)'
_entity_poly.pdbx_seq_one_letter_code
;TITVSTPIKQIFPDDAFAETIKANLKKKSVTDAVTQNELNSIDQIIANNSDIKSVQGIQYLPNVRYLALGGNKLHDISAL
KELTNLGWLNLSNNQLETLPQGVFEKLTNLTTLNLSNNQLTSLPQGVFERLASLTTLNLSNNQLTSLPQGVFERLTNLTT
LNLSNNQLTSLPQGVFERLTNLTTLNLSNNQLTSLPQGVFERLTSLHTLDLSNNGITDISALKNLDNLHTLDLSNNGITD
ISALKNLDNLHTLDLSNNGITDISALKNLTSLHTLDLSNNGITDISALKNLDNLETLDLRNNGI
;
_entity_poly.pdbx_strand_id   A
#
# COMPACT_ATOMS: atom_id res chain seq x y z
N THR A 1 -16.58 12.20 25.50
CA THR A 1 -18.00 12.64 25.67
C THR A 1 -18.14 14.11 26.05
N ILE A 2 -19.20 14.72 25.54
CA ILE A 2 -19.64 16.00 26.02
C ILE A 2 -20.78 15.82 27.00
N THR A 3 -20.78 16.65 28.04
CA THR A 3 -21.70 16.50 29.15
C THR A 3 -22.88 17.43 29.00
N VAL A 4 -22.70 18.55 28.31
CA VAL A 4 -23.79 19.44 28.03
C VAL A 4 -23.84 19.61 26.52
N SER A 5 -24.97 20.07 25.99
CA SER A 5 -25.07 20.38 24.59
C SER A 5 -24.09 21.45 24.27
N THR A 6 -23.46 21.32 23.12
CA THR A 6 -22.41 22.20 22.74
C THR A 6 -22.58 22.51 21.24
N PRO A 7 -22.36 23.78 20.84
CA PRO A 7 -22.39 24.15 19.47
C PRO A 7 -21.42 23.35 18.65
N ILE A 8 -21.83 22.90 17.47
CA ILE A 8 -20.96 22.12 16.57
C ILE A 8 -19.61 22.82 16.31
N LYS A 9 -19.66 24.14 16.08
CA LYS A 9 -18.46 24.91 15.74
C LYS A 9 -17.52 24.98 16.94
N GLN A 10 -18.04 24.76 18.12
CA GLN A 10 -17.20 24.62 19.29
C GLN A 10 -16.54 23.23 19.44
N ILE A 11 -17.27 22.17 19.18
CA ILE A 11 -16.69 20.85 19.17
C ILE A 11 -15.68 20.70 18.03
N PHE A 12 -16.00 21.22 16.84
CA PHE A 12 -15.26 20.99 15.61
C PHE A 12 -14.74 22.33 15.14
N PRO A 13 -13.54 22.70 15.60
CA PRO A 13 -13.06 24.07 15.36
C PRO A 13 -12.71 24.37 13.91
N ASP A 14 -12.45 23.35 13.08
CA ASP A 14 -12.16 23.55 11.66
C ASP A 14 -13.47 23.84 10.98
N ASP A 15 -13.51 24.93 10.21
CA ASP A 15 -14.77 25.33 9.59
C ASP A 15 -15.32 24.28 8.65
N ALA A 16 -14.47 23.73 7.77
CA ALA A 16 -14.94 22.73 6.83
C ALA A 16 -15.40 21.45 7.56
N PHE A 17 -14.71 21.04 8.61
CA PHE A 17 -15.10 19.81 9.30
C PHE A 17 -16.41 20.02 10.11
N ALA A 18 -16.57 21.22 10.64
CA ALA A 18 -17.83 21.57 11.30
C ALA A 18 -19.00 21.50 10.34
N GLU A 19 -18.84 22.03 9.15
CA GLU A 19 -19.87 21.91 8.12
C GLU A 19 -20.14 20.47 7.71
N THR A 20 -19.09 19.65 7.68
CA THR A 20 -19.22 18.20 7.42
C THR A 20 -20.13 17.56 8.46
N ILE A 21 -19.89 17.89 9.72
CA ILE A 21 -20.63 17.30 10.78
C ILE A 21 -22.06 17.83 10.77
N LYS A 22 -22.21 19.13 10.53
CA LYS A 22 -23.53 19.69 10.45
C LYS A 22 -24.37 18.99 9.38
N ALA A 23 -23.80 18.84 8.19
CA ALA A 23 -24.47 18.17 7.09
C ALA A 23 -24.75 16.69 7.47
N ASN A 24 -23.84 16.03 8.15
CA ASN A 24 -24.03 14.67 8.58
C ASN A 24 -25.21 14.55 9.54
N LEU A 25 -25.36 15.48 10.45
CA LEU A 25 -26.47 15.49 11.41
C LEU A 25 -27.72 16.20 10.92
N LYS A 26 -27.70 16.71 9.70
CA LYS A 26 -28.81 17.47 9.14
C LYS A 26 -29.24 18.65 9.97
N LYS A 27 -28.27 19.34 10.55
CA LYS A 27 -28.54 20.53 11.30
C LYS A 27 -28.52 21.71 10.37
N LYS A 28 -29.13 22.79 10.81
CA LYS A 28 -29.21 23.99 10.00
C LYS A 28 -27.99 24.85 10.05
N SER A 29 -27.29 24.85 11.18
CA SER A 29 -26.17 25.78 11.36
C SER A 29 -25.10 25.11 12.25
N VAL A 30 -23.85 25.46 11.99
CA VAL A 30 -22.75 25.06 12.86
C VAL A 30 -22.86 25.69 14.25
N THR A 31 -23.74 26.68 14.44
CA THR A 31 -23.99 27.19 15.76
C THR A 31 -25.01 26.34 16.53
N ASP A 32 -25.71 25.41 15.90
CA ASP A 32 -26.65 24.58 16.65
C ASP A 32 -25.91 23.73 17.70
N ALA A 33 -26.44 23.71 18.91
CA ALA A 33 -25.90 22.88 19.99
C ALA A 33 -26.34 21.45 19.74
N VAL A 34 -25.40 20.51 19.81
CA VAL A 34 -25.71 19.10 19.70
C VAL A 34 -25.44 18.39 21.00
N THR A 35 -26.05 17.22 21.11
CA THR A 35 -25.90 16.34 22.28
C THR A 35 -24.95 15.18 21.97
N GLN A 36 -24.50 14.51 23.03
CA GLN A 36 -23.66 13.32 22.86
C GLN A 36 -24.46 12.24 22.18
N ASN A 37 -25.75 12.13 22.49
N ASN A 37 -25.75 12.13 22.45
CA ASN A 37 -26.64 11.20 21.79
CA ASN A 37 -26.57 11.15 21.75
C ASN A 37 -26.49 11.40 20.26
C ASN A 37 -26.64 11.40 20.23
N GLU A 38 -26.50 12.65 19.79
CA GLU A 38 -26.42 12.92 18.36
C GLU A 38 -25.07 12.61 17.85
N LEU A 39 -24.04 12.93 18.62
CA LEU A 39 -22.69 12.61 18.14
C LEU A 39 -22.53 11.12 18.04
N ASN A 40 -23.19 10.38 18.94
CA ASN A 40 -23.10 8.96 18.92
C ASN A 40 -23.75 8.35 17.69
N SER A 41 -24.65 9.09 17.04
CA SER A 41 -25.38 8.60 15.89
C SER A 41 -24.47 8.49 14.66
N ILE A 42 -23.30 9.16 14.64
CA ILE A 42 -22.48 9.25 13.43
C ILE A 42 -21.66 7.96 13.29
N ASP A 43 -21.88 7.22 12.20
CA ASP A 43 -21.07 5.99 11.96
C ASP A 43 -20.26 6.05 10.72
N GLN A 44 -20.46 7.09 9.92
CA GLN A 44 -19.71 7.21 8.69
C GLN A 44 -19.52 8.66 8.37
N ILE A 45 -18.32 9.01 7.96
CA ILE A 45 -18.06 10.35 7.54
C ILE A 45 -17.37 10.28 6.21
N ILE A 46 -18.00 10.83 5.20
CA ILE A 46 -17.43 10.83 3.83
C ILE A 46 -17.11 12.26 3.43
N ALA A 47 -15.85 12.61 3.47
CA ALA A 47 -15.44 13.99 3.43
C ALA A 47 -14.09 14.11 2.74
N ASN A 48 -13.93 13.43 1.63
CA ASN A 48 -12.71 13.58 0.87
C ASN A 48 -12.81 14.96 0.22
N ASN A 49 -11.68 15.49 -0.21
CA ASN A 49 -11.65 16.73 -1.00
C ASN A 49 -12.56 17.82 -0.44
N SER A 50 -12.47 18.05 0.85
CA SER A 50 -13.36 18.97 1.55
C SER A 50 -12.65 20.15 2.28
N ASP A 51 -11.39 20.38 1.95
CA ASP A 51 -10.58 21.43 2.53
C ASP A 51 -10.58 21.42 4.05
N ILE A 52 -10.58 20.20 4.61
CA ILE A 52 -10.53 20.04 6.04
C ILE A 52 -9.09 20.20 6.48
N LYS A 53 -8.85 21.04 7.45
CA LYS A 53 -7.51 21.30 7.95
C LYS A 53 -7.27 20.60 9.30
N SER A 54 -8.34 20.22 9.97
CA SER A 54 -8.20 19.62 11.27
C SER A 54 -9.42 18.79 11.56
N VAL A 55 -9.23 17.58 12.11
CA VAL A 55 -10.39 16.78 12.61
C VAL A 55 -10.55 16.78 14.11
N GLN A 56 -10.00 17.79 14.74
CA GLN A 56 -10.35 18.01 16.15
C GLN A 56 -11.84 18.00 16.37
N GLY A 57 -12.24 17.28 17.42
CA GLY A 57 -13.62 17.06 17.71
C GLY A 57 -14.03 15.63 17.36
N ILE A 58 -13.29 15.01 16.45
CA ILE A 58 -13.73 13.70 15.95
C ILE A 58 -13.64 12.66 17.08
N GLN A 59 -12.82 12.94 18.10
CA GLN A 59 -12.70 12.15 19.34
C GLN A 59 -14.00 11.98 20.02
N TYR A 60 -14.95 12.89 19.79
CA TYR A 60 -16.27 12.80 20.44
C TYR A 60 -17.31 11.97 19.66
N LEU A 61 -16.87 11.28 18.61
CA LEU A 61 -17.74 10.45 17.76
C LEU A 61 -17.29 8.99 17.91
N PRO A 62 -17.64 8.37 19.02
CA PRO A 62 -17.16 6.99 19.33
C PRO A 62 -17.52 5.93 18.32
N ASN A 63 -18.57 6.18 17.56
CA ASN A 63 -19.10 5.15 16.68
C ASN A 63 -18.71 5.20 15.26
N VAL A 64 -17.79 6.09 14.90
CA VAL A 64 -17.39 6.18 13.53
C VAL A 64 -16.72 4.88 13.11
N ARG A 65 -17.25 4.30 12.03
CA ARG A 65 -16.70 3.05 11.40
C ARG A 65 -15.99 3.24 10.11
N TYR A 66 -16.37 4.29 9.39
CA TYR A 66 -15.90 4.49 8.06
C TYR A 66 -15.56 5.99 7.98
N LEU A 67 -14.35 6.26 7.63
CA LEU A 67 -13.85 7.64 7.60
C LEU A 67 -13.07 7.90 6.37
N ALA A 68 -13.62 8.74 5.48
CA ALA A 68 -12.94 9.13 4.27
C ALA A 68 -12.54 10.53 4.34
N LEU A 69 -11.24 10.72 4.43
CA LEU A 69 -10.66 12.06 4.53
C LEU A 69 -9.52 12.35 3.53
N GLY A 70 -9.58 11.72 2.39
CA GLY A 70 -8.60 11.92 1.34
C GLY A 70 -8.67 13.27 0.73
N GLY A 71 -7.54 13.83 0.35
CA GLY A 71 -7.53 15.10 -0.37
C GLY A 71 -7.85 16.31 0.43
N ASN A 72 -7.50 16.30 1.69
CA ASN A 72 -7.73 17.37 2.58
C ASN A 72 -6.37 18.03 2.89
N LYS A 73 -6.29 18.77 3.98
CA LYS A 73 -5.10 19.44 4.34
C LYS A 73 -4.69 19.02 5.73
N LEU A 74 -4.83 17.76 6.08
CA LEU A 74 -4.48 17.34 7.41
C LEU A 74 -3.00 17.22 7.54
N HIS A 75 -2.47 17.79 8.62
CA HIS A 75 -1.07 17.65 8.99
C HIS A 75 -0.95 16.75 10.23
N ASP A 76 -2.06 16.53 10.92
CA ASP A 76 -2.05 15.88 12.25
C ASP A 76 -3.25 14.98 12.31
N ILE A 77 -3.12 13.78 12.85
CA ILE A 77 -4.29 12.87 12.95
C ILE A 77 -4.48 12.27 14.36
N SER A 78 -3.86 12.88 15.34
CA SER A 78 -3.89 12.39 16.70
C SER A 78 -5.30 12.20 17.22
N ALA A 79 -6.23 13.07 16.79
CA ALA A 79 -7.61 12.97 17.26
C ALA A 79 -8.25 11.64 16.85
N LEU A 80 -7.76 11.00 15.80
CA LEU A 80 -8.32 9.72 15.39
C LEU A 80 -7.98 8.54 16.34
N LYS A 81 -7.03 8.75 17.23
CA LYS A 81 -6.58 7.72 18.15
C LYS A 81 -7.73 7.02 18.90
N GLU A 82 -8.79 7.79 19.12
CA GLU A 82 -9.92 7.42 19.95
C GLU A 82 -11.04 6.68 19.18
N LEU A 83 -10.91 6.51 17.86
CA LEU A 83 -12.01 5.92 17.10
C LEU A 83 -11.87 4.40 17.05
N THR A 84 -12.15 3.77 18.17
CA THR A 84 -11.88 2.35 18.33
C THR A 84 -12.72 1.44 17.39
N ASN A 85 -13.77 2.00 16.84
CA ASN A 85 -14.66 1.28 15.99
C ASN A 85 -14.34 1.42 14.51
N LEU A 86 -13.31 2.18 14.18
CA LEU A 86 -12.92 2.38 12.80
C LEU A 86 -12.53 1.06 12.08
N GLY A 87 -13.17 0.82 10.94
CA GLY A 87 -12.88 -0.31 10.08
C GLY A 87 -12.22 0.12 8.82
N TRP A 88 -12.38 1.37 8.41
CA TRP A 88 -11.94 1.81 7.11
C TRP A 88 -11.53 3.28 7.22
N LEU A 89 -10.31 3.59 6.83
CA LEU A 89 -9.75 4.92 7.02
C LEU A 89 -9.00 5.33 5.77
N ASN A 90 -9.43 6.41 5.14
CA ASN A 90 -8.67 6.93 4.03
C ASN A 90 -8.13 8.27 4.40
N LEU A 91 -6.80 8.36 4.45
CA LEU A 91 -6.10 9.59 4.71
C LEU A 91 -5.20 9.97 3.54
N SER A 92 -5.50 9.49 2.37
CA SER A 92 -4.64 9.71 1.29
C SER A 92 -4.61 11.18 0.88
N ASN A 93 -3.49 11.63 0.35
N ASN A 93 -3.50 11.63 0.31
CA ASN A 93 -3.39 12.99 -0.22
CA ASN A 93 -3.48 12.95 -0.31
C ASN A 93 -3.63 14.12 0.73
C ASN A 93 -3.80 14.03 0.77
N ASN A 94 -3.13 13.94 1.91
CA ASN A 94 -3.10 14.95 2.91
C ASN A 94 -1.65 15.42 3.05
N GLN A 95 -1.25 16.01 4.16
CA GLN A 95 0.12 16.43 4.32
C GLN A 95 0.76 15.85 5.55
N LEU A 96 0.50 14.59 5.77
CA LEU A 96 1.08 13.94 6.91
C LEU A 96 2.56 13.70 6.62
N GLU A 97 3.38 14.11 7.55
CA GLU A 97 4.82 13.95 7.46
C GLU A 97 5.32 12.95 8.47
N THR A 98 4.65 12.88 9.62
CA THR A 98 4.98 11.86 10.60
C THR A 98 3.68 11.35 11.19
N LEU A 99 3.78 10.20 11.83
CA LEU A 99 2.68 9.60 12.52
C LEU A 99 3.12 9.48 13.96
N PRO A 100 2.31 9.98 14.91
CA PRO A 100 2.69 9.73 16.32
C PRO A 100 2.68 8.22 16.59
N GLN A 101 3.62 7.76 17.39
CA GLN A 101 3.87 6.29 17.54
C GLN A 101 2.63 5.45 17.91
N GLY A 102 1.79 6.01 18.76
CA GLY A 102 0.63 5.31 19.28
C GLY A 102 -0.67 5.57 18.61
N VAL A 103 -0.68 6.30 17.51
CA VAL A 103 -1.91 6.78 16.96
C VAL A 103 -2.89 5.69 16.56
N PHE A 104 -2.38 4.53 16.08
CA PHE A 104 -3.21 3.39 15.65
C PHE A 104 -3.34 2.31 16.73
N GLU A 105 -2.87 2.60 17.95
CA GLU A 105 -2.90 1.63 19.10
C GLU A 105 -4.25 1.01 19.35
N LYS A 106 -5.28 1.79 19.21
CA LYS A 106 -6.59 1.31 19.61
C LYS A 106 -7.49 0.93 18.44
N LEU A 107 -6.97 1.01 17.23
CA LEU A 107 -7.78 0.83 16.04
C LEU A 107 -7.68 -0.63 15.64
N THR A 108 -7.99 -1.51 16.59
CA THR A 108 -7.78 -2.91 16.38
C THR A 108 -8.78 -3.52 15.36
N ASN A 109 -9.76 -2.77 14.93
CA ASN A 109 -10.77 -3.28 13.99
C ASN A 109 -10.55 -2.78 12.56
N LEU A 110 -9.55 -1.92 12.36
CA LEU A 110 -9.24 -1.41 11.09
C LEU A 110 -8.90 -2.49 10.05
N THR A 111 -9.60 -2.51 8.94
CA THR A 111 -9.30 -3.41 7.82
C THR A 111 -8.63 -2.70 6.64
N THR A 112 -8.88 -1.41 6.41
CA THR A 112 -8.28 -0.76 5.28
C THR A 112 -7.68 0.54 5.80
N LEU A 113 -6.41 0.74 5.50
CA LEU A 113 -5.69 1.93 5.84
C LEU A 113 -5.00 2.47 4.63
N ASN A 114 -5.43 3.67 4.24
CA ASN A 114 -4.83 4.30 3.10
C ASN A 114 -4.13 5.58 3.55
N LEU A 115 -2.81 5.50 3.53
CA LEU A 115 -1.95 6.62 3.82
C LEU A 115 -1.16 7.13 2.63
N SER A 116 -1.61 6.79 1.44
CA SER A 116 -0.87 7.09 0.30
C SER A 116 -0.85 8.60 0.01
N ASN A 117 0.16 8.99 -0.70
CA ASN A 117 0.26 10.40 -1.24
C ASN A 117 0.29 11.45 -0.13
N ASN A 118 0.93 11.12 0.99
CA ASN A 118 1.24 12.05 2.00
C ASN A 118 2.70 12.39 1.86
N GLN A 119 3.34 12.79 2.94
CA GLN A 119 4.77 13.03 2.83
C GLN A 119 5.54 12.33 3.92
N LEU A 120 5.13 11.08 4.20
CA LEU A 120 5.66 10.40 5.34
C LEU A 120 7.11 10.11 5.09
N THR A 121 7.92 10.55 6.04
CA THR A 121 9.38 10.35 5.97
C THR A 121 9.80 9.16 6.84
N SER A 122 8.96 8.72 7.77
CA SER A 122 9.34 7.56 8.57
C SER A 122 8.09 6.94 9.13
N LEU A 123 8.23 5.70 9.55
CA LEU A 123 7.21 4.94 10.30
C LEU A 123 7.80 4.62 11.66
N PRO A 124 7.18 5.10 12.72
CA PRO A 124 7.66 4.69 14.04
C PRO A 124 7.62 3.18 14.23
N GLN A 125 8.52 2.69 15.06
CA GLN A 125 8.49 1.31 15.51
C GLN A 125 7.13 1.02 16.18
N GLY A 126 6.48 -0.05 15.75
CA GLY A 126 5.25 -0.48 16.39
C GLY A 126 4.05 0.31 15.96
N VAL A 127 4.17 1.16 14.93
CA VAL A 127 3.06 1.98 14.56
C VAL A 127 1.81 1.16 14.10
N PHE A 128 2.03 -0.05 13.59
CA PHE A 128 0.96 -0.89 13.09
C PHE A 128 0.80 -2.18 13.95
N GLU A 129 1.37 -2.21 15.13
CA GLU A 129 1.45 -3.35 16.03
C GLU A 129 0.08 -3.92 16.38
N ARG A 130 -0.94 -3.08 16.50
CA ARG A 130 -2.23 -3.57 16.96
C ARG A 130 -3.24 -3.79 15.87
N LEU A 131 -2.84 -3.63 14.60
CA LEU A 131 -3.77 -3.71 13.50
C LEU A 131 -3.95 -5.12 12.95
N ALA A 132 -4.44 -6.01 13.81
CA ALA A 132 -4.54 -7.41 13.48
C ALA A 132 -5.57 -7.70 12.40
N SER A 133 -6.55 -6.83 12.24
CA SER A 133 -7.54 -7.04 11.22
C SER A 133 -7.17 -6.45 9.87
N LEU A 134 -6.05 -5.76 9.76
CA LEU A 134 -5.78 -5.02 8.56
C LEU A 134 -5.63 -5.94 7.36
N THR A 135 -6.37 -5.66 6.30
CA THR A 135 -6.20 -6.38 5.06
C THR A 135 -5.56 -5.56 3.94
N THR A 136 -5.71 -4.23 3.96
CA THR A 136 -5.12 -3.41 2.92
C THR A 136 -4.34 -2.29 3.57
N LEU A 137 -3.08 -2.12 3.18
CA LEU A 137 -2.27 -1.06 3.68
C LEU A 137 -1.67 -0.39 2.46
N ASN A 138 -2.00 0.86 2.26
CA ASN A 138 -1.42 1.61 1.19
C ASN A 138 -0.53 2.72 1.71
N LEU A 139 0.77 2.60 1.51
CA LEU A 139 1.78 3.56 1.89
C LEU A 139 2.50 4.23 0.70
N SER A 140 1.91 4.11 -0.46
CA SER A 140 2.50 4.56 -1.67
C SER A 140 2.56 6.05 -1.74
N ASN A 141 3.53 6.53 -2.48
CA ASN A 141 3.69 7.93 -2.85
C ASN A 141 3.98 8.74 -1.60
N ASN A 142 4.83 8.21 -0.73
CA ASN A 142 5.32 8.94 0.41
C ASN A 142 6.81 9.18 0.24
N GLN A 143 7.52 9.45 1.32
CA GLN A 143 8.95 9.73 1.26
C GLN A 143 9.76 8.77 2.08
N LEU A 144 9.33 7.54 2.10
CA LEU A 144 9.92 6.59 2.99
C LEU A 144 11.22 6.14 2.43
N THR A 145 12.22 6.08 3.27
CA THR A 145 13.53 5.64 2.81
C THR A 145 13.99 4.31 3.44
N SER A 146 13.50 4.02 4.62
CA SER A 146 13.74 2.73 5.26
C SER A 146 12.52 2.37 6.06
N LEU A 147 12.50 1.13 6.47
CA LEU A 147 11.40 0.56 7.28
C LEU A 147 11.97 -0.01 8.59
N PRO A 148 11.34 0.27 9.70
CA PRO A 148 11.80 -0.46 10.87
C PRO A 148 11.57 -1.96 10.67
N GLN A 149 12.49 -2.71 11.24
CA GLN A 149 12.31 -4.11 11.43
C GLN A 149 11.03 -4.25 12.29
N GLY A 150 10.23 -5.20 11.88
CA GLY A 150 9.08 -5.53 12.65
C GLY A 150 7.88 -4.72 12.29
N VAL A 151 8.01 -3.75 11.36
CA VAL A 151 6.95 -2.81 11.11
C VAL A 151 5.64 -3.46 10.63
N PHE A 152 5.76 -4.57 9.92
CA PHE A 152 4.59 -5.27 9.42
C PHE A 152 4.41 -6.63 10.15
N GLU A 153 5.06 -6.82 11.25
CA GLU A 153 5.16 -8.14 11.87
C GLU A 153 3.84 -8.76 12.38
N ARG A 154 2.90 -7.92 12.73
CA ARG A 154 1.62 -8.35 13.25
C ARG A 154 0.50 -8.31 12.20
N LEU A 155 0.80 -7.95 10.98
CA LEU A 155 -0.24 -7.74 9.98
C LEU A 155 -0.49 -9.03 9.22
N THR A 156 -0.89 -10.06 9.96
CA THR A 156 -0.99 -11.36 9.35
C THR A 156 -2.21 -11.51 8.42
N ASN A 157 -3.20 -10.63 8.57
CA ASN A 157 -4.35 -10.65 7.67
C ASN A 157 -4.16 -9.84 6.37
N LEU A 158 -2.98 -9.21 6.21
CA LEU A 158 -2.78 -8.28 5.14
C LEU A 158 -2.83 -9.05 3.81
N THR A 159 -3.63 -8.57 2.90
CA THR A 159 -3.65 -9.13 1.53
C THR A 159 -3.03 -8.23 0.52
N THR A 160 -3.09 -6.92 0.76
CA THR A 160 -2.53 -5.97 -0.14
C THR A 160 -1.62 -5.01 0.58
N LEU A 161 -0.39 -4.83 0.09
CA LEU A 161 0.58 -3.89 0.64
C LEU A 161 1.19 -3.11 -0.50
N ASN A 162 0.99 -1.79 -0.47
CA ASN A 162 1.46 -1.00 -1.55
C ASN A 162 2.50 -0.01 -0.94
N LEU A 163 3.77 -0.19 -1.32
CA LEU A 163 4.88 0.65 -0.93
C LEU A 163 5.54 1.34 -2.10
N SER A 164 4.79 1.49 -3.16
CA SER A 164 5.33 1.94 -4.38
C SER A 164 5.58 3.43 -4.27
N ASN A 165 6.50 3.90 -5.08
CA ASN A 165 6.72 5.34 -5.15
C ASN A 165 7.14 5.97 -3.82
N ASN A 166 8.10 5.35 -3.17
CA ASN A 166 8.72 5.92 -2.02
C ASN A 166 10.16 6.02 -2.45
N GLN A 167 11.08 6.18 -1.51
CA GLN A 167 12.45 6.20 -1.87
C GLN A 167 13.18 5.13 -1.13
N LEU A 168 12.56 3.95 -1.03
CA LEU A 168 13.18 2.86 -0.29
C LEU A 168 14.44 2.36 -0.94
N THR A 169 15.49 2.33 -0.17
CA THR A 169 16.80 1.92 -0.67
C THR A 169 17.18 0.52 -0.18
N SER A 170 16.44 0.02 0.78
CA SER A 170 16.62 -1.36 1.17
C SER A 170 15.38 -1.91 1.84
N LEU A 171 15.33 -3.23 1.97
CA LEU A 171 14.29 -3.86 2.76
C LEU A 171 14.99 -4.71 3.82
N PRO A 172 14.61 -4.56 5.09
CA PRO A 172 15.20 -5.46 6.12
C PRO A 172 14.88 -6.93 5.86
N GLN A 173 15.86 -7.79 6.11
CA GLN A 173 15.62 -9.22 6.20
C GLN A 173 14.43 -9.35 7.16
N GLY A 174 13.43 -10.11 6.74
CA GLY A 174 12.36 -10.46 7.66
C GLY A 174 11.17 -9.54 7.58
N VAL A 175 11.24 -8.47 6.77
CA VAL A 175 10.25 -7.44 6.86
C VAL A 175 8.85 -7.95 6.42
N PHE A 176 8.81 -8.95 5.58
CA PHE A 176 7.52 -9.50 5.12
C PHE A 176 7.27 -10.90 5.66
N GLU A 177 8.06 -11.32 6.61
CA GLU A 177 8.12 -12.71 7.06
C GLU A 177 6.81 -13.25 7.57
N ARG A 178 5.98 -12.42 8.16
CA ARG A 178 4.73 -12.92 8.71
C ARG A 178 3.50 -12.65 7.82
N LEU A 179 3.70 -12.12 6.63
CA LEU A 179 2.58 -11.77 5.74
C LEU A 179 2.14 -12.93 4.83
N THR A 180 1.70 -14.00 5.48
CA THR A 180 1.41 -15.24 4.80
C THR A 180 0.10 -15.21 4.03
N ASN A 181 -0.70 -14.15 4.21
CA ASN A 181 -1.89 -13.99 3.43
C ASN A 181 -1.75 -12.98 2.35
N LEU A 182 -0.57 -12.38 2.20
CA LEU A 182 -0.39 -11.37 1.23
C LEU A 182 -0.50 -11.87 -0.23
N THR A 183 -1.32 -11.21 -1.02
CA THR A 183 -1.53 -11.61 -2.41
C THR A 183 -0.94 -10.60 -3.38
N THR A 184 -0.87 -9.31 -2.97
CA THR A 184 -0.33 -8.29 -3.84
C THR A 184 0.68 -7.51 -3.08
N LEU A 185 1.85 -7.36 -3.67
CA LEU A 185 2.90 -6.53 -3.11
C LEU A 185 3.48 -5.58 -4.17
N ASN A 186 3.35 -4.30 -3.96
CA ASN A 186 3.88 -3.32 -4.86
C ASN A 186 5.00 -2.55 -4.26
N LEU A 187 6.18 -2.79 -4.82
CA LEU A 187 7.40 -2.09 -4.48
C LEU A 187 8.01 -1.32 -5.63
N SER A 188 7.22 -1.00 -6.65
CA SER A 188 7.71 -0.29 -7.77
C SER A 188 8.12 1.13 -7.45
N ASN A 189 9.02 1.68 -8.23
CA ASN A 189 9.32 3.07 -8.19
C ASN A 189 9.92 3.45 -6.83
N ASN A 190 10.83 2.63 -6.35
CA ASN A 190 11.65 2.93 -5.21
C ASN A 190 13.13 3.06 -5.63
N GLN A 191 14.06 2.88 -4.72
CA GLN A 191 15.43 2.87 -5.10
C GLN A 191 16.12 1.60 -4.65
N LEU A 192 15.42 0.50 -4.83
CA LEU A 192 15.91 -0.79 -4.40
C LEU A 192 16.95 -1.32 -5.37
N THR A 193 18.00 -1.88 -4.83
CA THR A 193 19.04 -2.46 -5.64
C THR A 193 19.19 -3.87 -5.05
N SER A 194 20.02 -4.06 -4.04
CA SER A 194 20.10 -5.41 -3.46
C SER A 194 18.82 -5.76 -2.63
N LEU A 195 18.45 -7.04 -2.67
CA LEU A 195 17.36 -7.60 -1.87
C LEU A 195 17.90 -8.76 -1.05
N PRO A 196 17.57 -8.82 0.24
CA PRO A 196 17.89 -10.03 0.99
C PRO A 196 17.32 -11.26 0.31
N GLN A 197 18.12 -12.30 0.16
CA GLN A 197 17.68 -13.43 -0.64
C GLN A 197 16.36 -14.08 -0.19
N GLY A 198 16.11 -14.02 1.12
CA GLY A 198 14.93 -14.62 1.75
C GLY A 198 13.72 -13.68 1.92
N VAL A 199 13.76 -12.49 1.33
CA VAL A 199 12.79 -11.47 1.73
C VAL A 199 11.34 -11.76 1.31
N PHE A 200 11.16 -12.54 0.27
CA PHE A 200 9.83 -12.90 -0.20
C PHE A 200 9.44 -14.32 0.07
N GLU A 201 10.32 -15.09 0.66
CA GLU A 201 10.16 -16.56 0.65
C GLU A 201 8.96 -17.07 1.49
N ARG A 202 8.49 -16.31 2.47
CA ARG A 202 7.33 -16.77 3.25
C ARG A 202 5.97 -16.26 2.67
N LEU A 203 6.01 -15.59 1.55
CA LEU A 203 4.83 -14.97 0.94
C LEU A 203 4.19 -16.03 0.09
N THR A 204 3.64 -17.00 0.77
CA THR A 204 3.19 -18.23 0.11
C THR A 204 1.90 -17.96 -0.63
N SER A 205 1.18 -16.88 -0.28
CA SER A 205 -0.01 -16.54 -1.05
C SER A 205 0.25 -15.50 -2.14
N LEU A 206 1.47 -15.00 -2.31
CA LEU A 206 1.71 -13.89 -3.25
C LEU A 206 1.34 -14.28 -4.73
N HIS A 207 0.46 -13.48 -5.33
CA HIS A 207 -0.08 -13.65 -6.68
C HIS A 207 0.62 -12.57 -7.55
N THR A 208 0.75 -11.37 -7.03
CA THR A 208 1.21 -10.23 -7.82
C THR A 208 2.35 -9.57 -7.13
N LEU A 209 3.46 -9.40 -7.83
CA LEU A 209 4.59 -8.66 -7.32
C LEU A 209 5.09 -7.63 -8.35
N ASP A 210 5.17 -6.38 -7.94
CA ASP A 210 5.65 -5.31 -8.83
C ASP A 210 6.92 -4.73 -8.24
N LEU A 211 8.02 -4.90 -9.00
CA LEU A 211 9.30 -4.40 -8.62
C LEU A 211 9.87 -3.49 -9.71
N SER A 212 9.01 -2.98 -10.54
CA SER A 212 9.47 -2.16 -11.63
C SER A 212 10.02 -0.84 -11.18
N ASN A 213 10.96 -0.33 -11.95
CA ASN A 213 11.48 1.02 -11.76
C ASN A 213 12.24 1.11 -10.48
N ASN A 214 13.12 0.15 -10.26
CA ASN A 214 14.12 0.20 -9.21
C ASN A 214 15.51 0.07 -9.88
N GLY A 215 16.52 -0.33 -9.14
CA GLY A 215 17.81 -0.58 -9.72
C GLY A 215 18.21 -2.01 -9.49
N ILE A 216 17.27 -2.93 -9.50
CA ILE A 216 17.56 -4.30 -9.12
C ILE A 216 18.41 -4.98 -10.20
N THR A 217 19.43 -5.69 -9.78
CA THR A 217 20.28 -6.42 -10.72
C THR A 217 20.10 -7.91 -10.45
N ASP A 218 20.13 -8.34 -9.20
CA ASP A 218 20.07 -9.76 -8.85
C ASP A 218 18.67 -10.14 -8.40
N ILE A 219 18.07 -11.09 -9.08
CA ILE A 219 16.68 -11.45 -8.73
C ILE A 219 16.54 -12.82 -8.07
N SER A 220 17.60 -13.31 -7.46
CA SER A 220 17.61 -14.57 -6.74
C SER A 220 16.45 -14.68 -5.70
N ALA A 221 16.05 -13.54 -5.13
CA ALA A 221 14.97 -13.55 -4.14
C ALA A 221 13.64 -14.07 -4.69
N LEU A 222 13.52 -14.12 -6.02
CA LEU A 222 12.29 -14.58 -6.63
C LEU A 222 12.26 -16.07 -6.83
N LYS A 223 13.39 -16.72 -6.67
CA LYS A 223 13.58 -18.11 -7.10
C LYS A 223 12.43 -19.04 -6.69
N ASN A 224 11.93 -18.90 -5.48
CA ASN A 224 11.03 -19.90 -4.98
C ASN A 224 9.62 -19.40 -4.86
N LEU A 225 9.27 -18.37 -5.62
CA LEU A 225 7.93 -17.76 -5.57
C LEU A 225 6.99 -18.46 -6.54
N ASP A 226 6.88 -19.77 -6.47
CA ASP A 226 6.22 -20.49 -7.56
C ASP A 226 4.69 -20.29 -7.56
N ASN A 227 4.13 -19.57 -6.61
CA ASN A 227 2.73 -19.24 -6.73
C ASN A 227 2.46 -17.95 -7.47
N LEU A 228 3.51 -17.25 -7.85
CA LEU A 228 3.32 -15.98 -8.45
C LEU A 228 2.64 -16.08 -9.82
N HIS A 229 1.69 -15.19 -10.08
N HIS A 229 1.66 -15.21 -10.06
CA HIS A 229 1.00 -15.14 -11.36
CA HIS A 229 0.88 -15.11 -11.30
C HIS A 229 1.42 -13.93 -12.22
C HIS A 229 1.38 -13.95 -12.19
N THR A 230 1.71 -12.81 -11.57
CA THR A 230 2.01 -11.58 -12.27
C THR A 230 3.25 -11.00 -11.64
N LEU A 231 4.25 -10.72 -12.47
CA LEU A 231 5.50 -10.19 -12.00
C LEU A 231 5.92 -9.06 -12.94
N ASP A 232 6.09 -7.88 -12.38
CA ASP A 232 6.64 -6.73 -13.12
C ASP A 232 8.06 -6.38 -12.61
N LEU A 233 9.04 -6.56 -13.48
CA LEU A 233 10.44 -6.27 -13.24
C LEU A 233 10.99 -5.27 -14.27
N SER A 234 10.10 -4.52 -14.94
CA SER A 234 10.58 -3.58 -15.96
C SER A 234 11.38 -2.45 -15.36
N ASN A 235 12.30 -1.92 -16.14
CA ASN A 235 13.06 -0.70 -15.80
C ASN A 235 13.89 -0.89 -14.55
N ASN A 236 14.74 -1.90 -14.62
CA ASN A 236 15.70 -2.24 -13.58
C ASN A 236 17.05 -2.47 -14.29
N GLY A 237 17.96 -3.20 -13.67
CA GLY A 237 19.26 -3.53 -14.27
C GLY A 237 19.50 -5.02 -14.44
N ILE A 238 18.45 -5.75 -14.75
CA ILE A 238 18.52 -7.17 -14.74
C ILE A 238 19.20 -7.66 -16.00
N THR A 239 20.05 -8.67 -15.82
CA THR A 239 20.79 -9.34 -16.92
C THR A 239 20.44 -10.82 -16.82
N ASP A 240 20.87 -11.49 -15.77
CA ASP A 240 20.59 -12.92 -15.62
C ASP A 240 19.14 -13.11 -15.12
N ILE A 241 18.34 -13.90 -15.84
CA ILE A 241 16.98 -14.23 -15.37
C ILE A 241 16.83 -15.71 -15.01
N SER A 242 17.91 -16.39 -14.67
CA SER A 242 17.80 -17.82 -14.34
C SER A 242 16.88 -18.08 -13.13
N ALA A 243 16.75 -17.10 -12.21
CA ALA A 243 15.93 -17.29 -11.03
C ALA A 243 14.45 -17.41 -11.41
N LEU A 244 14.08 -17.05 -12.63
CA LEU A 244 12.69 -17.17 -13.00
C LEU A 244 12.31 -18.55 -13.45
N LYS A 245 13.25 -19.47 -13.58
CA LYS A 245 12.99 -20.62 -14.41
C LYS A 245 11.99 -21.62 -13.84
N ASN A 246 11.65 -21.52 -12.55
CA ASN A 246 10.67 -22.48 -11.97
C ASN A 246 9.37 -21.81 -11.54
N LEU A 247 9.15 -20.61 -12.04
CA LEU A 247 7.96 -19.85 -11.71
C LEU A 247 6.82 -20.21 -12.70
N ASP A 248 6.38 -21.45 -12.70
CA ASP A 248 5.58 -21.87 -13.86
C ASP A 248 4.10 -21.59 -13.69
N ASN A 249 3.69 -20.91 -12.61
CA ASN A 249 2.34 -20.30 -12.54
C ASN A 249 2.31 -18.90 -13.12
N LEU A 250 3.44 -18.37 -13.55
CA LEU A 250 3.43 -17.02 -14.05
C LEU A 250 2.61 -16.94 -15.35
N HIS A 251 1.65 -16.03 -15.36
CA HIS A 251 0.83 -15.72 -16.51
C HIS A 251 1.26 -14.43 -17.18
N THR A 252 1.79 -13.50 -16.40
CA THR A 252 2.12 -12.19 -16.93
C THR A 252 3.50 -11.80 -16.40
N LEU A 253 4.41 -11.47 -17.30
CA LEU A 253 5.78 -11.09 -16.92
C LEU A 253 6.25 -9.89 -17.68
N ASP A 254 6.73 -8.85 -17.01
CA ASP A 254 7.22 -7.66 -17.75
C ASP A 254 8.68 -7.53 -17.37
N LEU A 255 9.53 -7.78 -18.36
CA LEU A 255 10.95 -7.73 -18.20
C LEU A 255 11.53 -6.61 -19.09
N SER A 256 10.68 -5.71 -19.58
CA SER A 256 11.13 -4.68 -20.44
C SER A 256 12.15 -3.73 -19.81
N ASN A 257 12.98 -3.13 -20.65
CA ASN A 257 13.91 -2.11 -20.20
C ASN A 257 14.84 -2.61 -19.11
N ASN A 258 15.50 -3.69 -19.43
CA ASN A 258 16.57 -4.24 -18.63
C ASN A 258 17.76 -4.49 -19.52
N GLY A 259 18.65 -5.36 -19.11
CA GLY A 259 19.81 -5.69 -19.88
C GLY A 259 19.89 -7.15 -20.17
N ILE A 260 18.75 -7.75 -20.50
CA ILE A 260 18.65 -9.18 -20.67
C ILE A 260 19.08 -9.56 -22.06
N THR A 261 19.83 -10.64 -22.15
CA THR A 261 20.24 -11.14 -23.45
C THR A 261 19.80 -12.61 -23.63
N ASP A 262 19.87 -13.44 -22.60
CA ASP A 262 19.56 -14.88 -22.73
C ASP A 262 18.22 -15.13 -22.07
N ILE A 263 17.26 -15.60 -22.85
CA ILE A 263 15.94 -15.89 -22.28
C ILE A 263 15.63 -17.39 -22.12
N SER A 264 16.66 -18.20 -22.17
CA SER A 264 16.56 -19.65 -21.92
C SER A 264 15.67 -20.01 -20.73
N ALA A 265 15.85 -19.28 -19.66
CA ALA A 265 15.10 -19.51 -18.44
C ALA A 265 13.56 -19.41 -18.60
N LEU A 266 13.08 -18.80 -19.67
CA LEU A 266 11.63 -18.66 -19.86
C LEU A 266 10.98 -19.92 -20.44
N LYS A 267 11.81 -20.87 -20.85
CA LYS A 267 11.37 -22.00 -21.64
C LYS A 267 10.30 -22.83 -20.97
N ASN A 268 10.32 -22.95 -19.65
CA ASN A 268 9.25 -23.73 -18.98
C ASN A 268 8.16 -22.93 -18.30
N LEU A 269 8.04 -21.67 -18.66
CA LEU A 269 7.00 -20.82 -18.12
C LEU A 269 5.78 -20.95 -19.01
N THR A 270 5.26 -22.18 -19.08
CA THR A 270 4.29 -22.51 -20.09
C THR A 270 2.95 -21.85 -19.83
N SER A 271 2.71 -21.30 -18.64
CA SER A 271 1.51 -20.52 -18.40
C SER A 271 1.55 -19.08 -18.86
N LEU A 272 2.69 -18.60 -19.37
CA LEU A 272 2.76 -17.21 -19.78
C LEU A 272 1.79 -16.92 -20.92
N HIS A 273 0.98 -15.89 -20.67
CA HIS A 273 0.01 -15.37 -21.62
C HIS A 273 0.52 -13.98 -22.12
N THR A 274 1.23 -13.24 -21.26
CA THR A 274 1.63 -11.87 -21.50
C THR A 274 3.08 -11.68 -21.12
N LEU A 275 3.91 -11.36 -22.11
CA LEU A 275 5.35 -11.26 -21.92
C LEU A 275 5.90 -10.02 -22.68
N ASP A 276 6.55 -9.14 -21.94
CA ASP A 276 7.14 -7.93 -22.48
C ASP A 276 8.65 -8.02 -22.29
N LEU A 277 9.35 -8.18 -23.41
CA LEU A 277 10.77 -8.25 -23.36
C LEU A 277 11.41 -7.05 -24.06
N SER A 278 10.67 -5.98 -24.26
CA SER A 278 11.20 -4.92 -25.13
C SER A 278 12.32 -4.17 -24.44
N ASN A 279 13.18 -3.57 -25.24
CA ASN A 279 14.28 -2.73 -24.73
C ASN A 279 15.26 -3.50 -23.88
N ASN A 280 15.76 -4.58 -24.46
CA ASN A 280 16.76 -5.47 -23.89
C ASN A 280 17.79 -5.73 -24.98
N GLY A 281 18.67 -6.72 -24.81
CA GLY A 281 19.62 -7.08 -25.85
C GLY A 281 19.42 -8.51 -26.34
N ILE A 282 18.15 -8.91 -26.50
CA ILE A 282 17.83 -10.28 -26.79
C ILE A 282 17.87 -10.49 -28.30
N THR A 283 18.62 -11.49 -28.75
CA THR A 283 18.69 -11.81 -30.18
C THR A 283 18.34 -13.27 -30.52
N ASP A 284 18.23 -14.13 -29.51
CA ASP A 284 17.84 -15.52 -29.69
C ASP A 284 16.53 -15.75 -28.97
N ILE A 285 15.48 -16.04 -29.72
CA ILE A 285 14.18 -16.25 -29.14
C ILE A 285 13.68 -17.68 -29.20
N SER A 286 14.57 -18.63 -29.39
CA SER A 286 14.11 -19.99 -29.57
C SER A 286 13.48 -20.58 -28.27
N ALA A 287 13.75 -20.01 -27.09
CA ALA A 287 13.01 -20.41 -25.89
C ALA A 287 11.50 -20.18 -26.05
N LEU A 288 11.12 -19.13 -26.79
CA LEU A 288 9.72 -18.85 -26.99
C LEU A 288 8.98 -19.98 -27.73
N LYS A 289 9.69 -20.87 -28.39
CA LYS A 289 9.06 -21.98 -29.10
C LYS A 289 8.29 -22.92 -28.21
N ASN A 290 8.65 -22.91 -26.92
CA ASN A 290 7.92 -23.68 -25.93
C ASN A 290 6.70 -23.07 -25.30
N LEU A 291 6.41 -21.80 -25.53
CA LEU A 291 5.34 -21.11 -24.79
C LEU A 291 4.09 -21.23 -25.59
N ASP A 292 3.20 -22.12 -25.15
CA ASP A 292 1.99 -22.44 -25.88
C ASP A 292 0.89 -21.34 -25.88
N ASN A 293 0.89 -20.49 -24.84
CA ASN A 293 -0.26 -19.63 -24.58
C ASN A 293 -0.01 -18.12 -24.67
N LEU A 294 1.11 -17.69 -25.29
CA LEU A 294 1.39 -16.25 -25.43
C LEU A 294 0.33 -15.55 -26.31
N GLU A 295 -0.37 -14.58 -25.75
CA GLU A 295 -1.30 -13.71 -26.45
C GLU A 295 -0.61 -12.41 -26.82
N THR A 296 0.19 -11.88 -25.89
CA THR A 296 0.82 -10.59 -26.05
C THR A 296 2.30 -10.76 -25.85
N LEU A 297 3.05 -10.28 -26.83
CA LEU A 297 4.46 -10.42 -26.82
C LEU A 297 5.07 -9.14 -27.37
N ASP A 298 6.04 -8.57 -26.65
CA ASP A 298 6.72 -7.39 -27.15
C ASP A 298 8.24 -7.61 -27.16
N LEU A 299 8.80 -7.61 -28.36
CA LEU A 299 10.25 -7.84 -28.55
C LEU A 299 10.92 -6.63 -29.12
N ARG A 300 10.22 -5.49 -29.19
CA ARG A 300 10.79 -4.30 -29.82
C ARG A 300 12.04 -3.77 -29.12
N ASN A 301 12.91 -3.12 -29.89
CA ASN A 301 14.20 -2.62 -29.40
C ASN A 301 15.08 -3.62 -28.66
N ASN A 302 15.30 -4.75 -29.34
CA ASN A 302 16.30 -5.70 -28.98
C ASN A 302 17.17 -5.87 -30.24
N GLY A 303 18.31 -6.51 -30.16
CA GLY A 303 19.07 -6.86 -31.40
C GLY A 303 18.33 -7.56 -32.59
N ILE A 304 17.03 -7.83 -32.44
CA ILE A 304 16.15 -8.21 -33.58
C ILE A 304 15.01 -7.20 -33.74
#